data_9G9X
#
_entry.id   9G9X
#
_cell.length_a   1.00
_cell.length_b   1.00
_cell.length_c   1.00
_cell.angle_alpha   90.00
_cell.angle_beta   90.00
_cell.angle_gamma   90.00
#
_symmetry.space_group_name_H-M   'P 1'
#
loop_
_entity.id
_entity.type
_entity.pdbx_description
1 polymer 'Potassium channel subfamily K member 3'
2 non-polymer 'CHOLESTEROL HEMISUCCINATE'
3 non-polymer 'POTASSIUM ION'
#
_entity_poly.entity_id   1
_entity_poly.type   'polypeptide(L)'
_entity_poly.pdbx_seq_one_letter_code
;MKRQNVRTLALIVCTFTYLLVGAAVFDALESEPELIERQRLELRQQELRARYNLSQGGYEELERVVLRLKPHKAGVQWRF
AGSFYFAITVITTIGYGHAAPSTDGGKVFCMFYALLGIPLTLVMFQSLGERINTLVRYLLHRAKKGLGMRRADVSMANMV
LIGFFSCISTLCIGAAAFSHYEHWTFFQAYYYCFITLTTIGFGDYVALQKDQALQTQPQYVAFSFVYILTGLTVIGAFLN
LVVLRFMTMNAEDEKRDAENLYFQ
;
_entity_poly.pdbx_strand_id   A,B
#
loop_
_chem_comp.id
_chem_comp.type
_chem_comp.name
_chem_comp.formula
K non-polymer 'POTASSIUM ION' 'K 1'
Y01 non-polymer 'CHOLESTEROL HEMISUCCINATE' 'C31 H50 O4'
#
# COMPACT_ATOMS: atom_id res chain seq x y z
N MET A 1 13.54 30.80 11.95
CA MET A 1 12.45 31.66 11.50
C MET A 1 11.10 31.14 11.99
N LYS A 2 10.17 32.06 12.22
CA LYS A 2 8.85 31.67 12.71
C LYS A 2 7.99 31.04 11.61
N ARG A 3 8.15 31.50 10.37
CA ARG A 3 7.25 31.10 9.29
C ARG A 3 7.19 29.58 9.15
N GLN A 4 8.35 28.92 9.16
CA GLN A 4 8.37 27.46 9.02
C GLN A 4 7.61 26.76 10.15
N ASN A 5 7.70 27.28 11.38
CA ASN A 5 6.97 26.67 12.49
C ASN A 5 5.48 26.92 12.40
N VAL A 6 5.08 28.12 11.97
CA VAL A 6 3.66 28.37 11.76
C VAL A 6 3.11 27.46 10.66
N ARG A 7 3.86 27.31 9.58
CA ARG A 7 3.42 26.44 8.49
C ARG A 7 3.33 24.99 8.94
N THR A 8 4.30 24.53 9.73
CA THR A 8 4.24 23.17 10.27
C THR A 8 3.01 22.94 11.13
N LEU A 9 2.71 23.85 12.05
CA LEU A 9 1.53 23.66 12.88
C LEU A 9 0.23 23.82 12.09
N ALA A 10 0.21 24.68 11.08
CA ALA A 10 -0.96 24.77 10.22
C ALA A 10 -1.20 23.47 9.45
N LEU A 11 -0.12 22.82 9.02
CA LEU A 11 -0.27 21.55 8.31
C LEU A 11 -0.69 20.43 9.26
N ILE A 12 -0.15 20.39 10.47
CA ILE A 12 -0.57 19.35 11.43
C ILE A 12 -2.05 19.51 11.78
N VAL A 13 -2.47 20.71 12.14
CA VAL A 13 -3.88 20.93 12.49
C VAL A 13 -4.79 20.67 11.30
N CYS A 14 -4.35 21.05 10.10
CA CYS A 14 -5.14 20.75 8.90
C CYS A 14 -5.26 19.25 8.67
N THR A 15 -4.17 18.50 8.84
CA THR A 15 -4.21 17.06 8.64
C THR A 15 -5.14 16.38 9.64
N PHE A 16 -5.06 16.73 10.92
CA PHE A 16 -5.98 16.14 11.89
C PHE A 16 -7.44 16.56 11.68
N THR A 17 -7.69 17.77 11.20
CA THR A 17 -9.06 18.10 10.79
C THR A 17 -9.51 17.24 9.61
N TYR A 18 -8.60 17.02 8.66
CA TYR A 18 -8.92 16.21 7.49
C TYR A 18 -9.19 14.76 7.86
N LEU A 19 -8.44 14.20 8.80
CA LEU A 19 -8.75 12.88 9.30
C LEU A 19 -10.08 12.81 10.04
N LEU A 20 -10.37 13.79 10.90
CA LEU A 20 -11.65 13.72 11.62
C LEU A 20 -12.85 13.89 10.68
N VAL A 21 -12.71 14.66 9.61
CA VAL A 21 -13.78 14.71 8.61
C VAL A 21 -13.87 13.40 7.83
N GLY A 22 -12.73 12.85 7.42
CA GLY A 22 -12.77 11.59 6.71
C GLY A 22 -13.40 10.48 7.52
N ALA A 23 -12.99 10.35 8.79
CA ALA A 23 -13.56 9.34 9.66
C ALA A 23 -15.05 9.52 9.84
N ALA A 24 -15.52 10.76 10.00
CA ALA A 24 -16.95 10.98 10.14
C ALA A 24 -17.72 10.60 8.88
N VAL A 25 -17.18 10.93 7.70
CA VAL A 25 -17.91 10.62 6.48
C VAL A 25 -17.91 9.13 6.16
N PHE A 26 -16.76 8.47 6.29
CA PHE A 26 -16.74 7.02 6.07
C PHE A 26 -17.63 6.28 7.05
N ASP A 27 -17.65 6.68 8.32
CA ASP A 27 -18.54 6.04 9.27
C ASP A 27 -19.99 6.23 8.87
N ALA A 28 -20.38 7.47 8.54
CA ALA A 28 -21.74 7.76 8.08
C ALA A 28 -22.12 7.02 6.81
N LEU A 29 -21.16 6.73 5.94
CA LEU A 29 -21.46 6.02 4.70
C LEU A 29 -21.55 4.52 4.89
N GLU A 30 -20.66 3.93 5.67
CA GLU A 30 -20.42 2.50 5.64
C GLU A 30 -20.92 1.73 6.84
N SER A 31 -21.05 2.34 8.02
CA SER A 31 -21.30 1.53 9.20
C SER A 31 -22.71 0.94 9.27
N GLU A 32 -23.68 1.48 8.54
CA GLU A 32 -24.97 0.80 8.44
C GLU A 32 -25.00 -0.37 7.45
N PRO A 33 -24.60 -0.18 6.19
CA PRO A 33 -24.47 -1.34 5.28
C PRO A 33 -23.64 -2.47 5.83
N GLU A 34 -22.58 -2.18 6.59
CA GLU A 34 -21.82 -3.25 7.22
C GLU A 34 -22.70 -4.10 8.12
N LEU A 35 -23.48 -3.47 9.00
CA LEU A 35 -24.32 -4.23 9.92
C LEU A 35 -25.41 -5.01 9.17
N ILE A 36 -25.99 -4.40 8.14
CA ILE A 36 -27.00 -5.11 7.34
C ILE A 36 -26.40 -6.35 6.68
N GLU A 37 -25.27 -6.19 5.99
CA GLU A 37 -24.65 -7.34 5.32
C GLU A 37 -24.16 -8.38 6.30
N ARG A 38 -23.66 -7.96 7.46
CA ARG A 38 -23.24 -8.92 8.47
C ARG A 38 -24.42 -9.74 8.99
N GLN A 39 -25.57 -9.10 9.20
CA GLN A 39 -26.77 -9.85 9.57
C GLN A 39 -27.17 -10.83 8.47
N ARG A 40 -27.15 -10.39 7.22
CA ARG A 40 -27.50 -11.28 6.11
C ARG A 40 -26.59 -12.50 6.03
N LEU A 41 -25.28 -12.30 6.20
CA LEU A 41 -24.35 -13.42 6.14
C LEU A 41 -24.44 -14.31 7.36
N GLU A 42 -24.65 -13.74 8.54
CA GLU A 42 -24.91 -14.56 9.73
C GLU A 42 -26.16 -15.41 9.57
N LEU A 43 -27.14 -14.92 8.83
CA LEU A 43 -28.32 -15.73 8.51
C LEU A 43 -27.98 -16.85 7.53
N ARG A 44 -27.34 -16.52 6.42
CA ARG A 44 -27.01 -17.52 5.40
C ARG A 44 -26.05 -18.60 5.92
N GLN A 45 -25.15 -18.24 6.83
CA GLN A 45 -24.30 -19.23 7.47
C GLN A 45 -25.12 -20.32 8.16
N GLN A 46 -26.07 -19.92 9.01
CA GLN A 46 -26.88 -20.91 9.71
C GLN A 46 -27.81 -21.65 8.75
N GLU A 47 -28.30 -20.97 7.72
CA GLU A 47 -29.09 -21.66 6.71
C GLU A 47 -28.34 -22.80 6.05
N LEU A 48 -27.14 -22.54 5.53
CA LEU A 48 -26.37 -23.61 4.89
C LEU A 48 -25.88 -24.65 5.90
N ARG A 49 -25.43 -24.21 7.07
CA ARG A 49 -24.98 -25.15 8.10
C ARG A 49 -26.08 -26.14 8.47
N ALA A 50 -27.32 -25.66 8.63
CA ALA A 50 -28.44 -26.58 8.85
C ALA A 50 -28.73 -27.42 7.62
N ARG A 51 -28.73 -26.80 6.43
CA ARG A 51 -29.02 -27.52 5.20
C ARG A 51 -28.06 -28.68 4.96
N TYR A 52 -26.83 -28.60 5.47
CA TYR A 52 -25.89 -29.72 5.34
C TYR A 52 -25.59 -30.39 6.67
N ASN A 53 -26.38 -30.13 7.71
CA ASN A 53 -26.25 -30.80 9.00
C ASN A 53 -24.82 -30.77 9.53
N LEU A 54 -24.18 -29.60 9.43
CA LEU A 54 -22.74 -29.51 9.67
C LEU A 54 -22.50 -29.16 11.12
N SER A 55 -21.70 -29.99 11.80
CA SER A 55 -21.32 -29.71 13.18
C SER A 55 -20.52 -28.43 13.28
N GLN A 56 -20.70 -27.72 14.40
CA GLN A 56 -20.03 -26.44 14.60
C GLN A 56 -18.51 -26.58 14.51
N GLY A 57 -17.96 -27.66 15.06
CA GLY A 57 -16.54 -27.90 14.91
C GLY A 57 -16.15 -28.18 13.47
N GLY A 58 -17.00 -28.92 12.76
CA GLY A 58 -16.75 -29.16 11.35
C GLY A 58 -16.82 -27.91 10.51
N TYR A 59 -17.79 -27.03 10.81
CA TYR A 59 -17.82 -25.73 10.17
C TYR A 59 -16.58 -24.91 10.49
N GLU A 60 -16.11 -24.94 11.74
CA GLU A 60 -14.88 -24.25 12.10
C GLU A 60 -13.68 -24.75 11.30
N GLU A 61 -13.56 -26.07 11.15
CA GLU A 61 -12.46 -26.63 10.37
C GLU A 61 -12.58 -26.31 8.88
N LEU A 62 -13.78 -26.42 8.31
CA LEU A 62 -13.96 -26.03 6.92
C LEU A 62 -13.66 -24.56 6.70
N GLU A 63 -14.04 -23.70 7.65
CA GLU A 63 -13.68 -22.30 7.57
C GLU A 63 -12.16 -22.10 7.57
N ARG A 64 -11.46 -22.79 8.47
CA ARG A 64 -9.99 -22.70 8.47
C ARG A 64 -9.38 -23.13 7.14
N VAL A 65 -9.89 -24.22 6.57
CA VAL A 65 -9.36 -24.69 5.28
C VAL A 65 -9.65 -23.69 4.17
N VAL A 66 -10.89 -23.22 4.07
CA VAL A 66 -11.22 -22.27 3.02
C VAL A 66 -10.39 -21.00 3.16
N LEU A 67 -10.23 -20.50 4.38
CA LEU A 67 -9.46 -19.28 4.61
C LEU A 67 -7.97 -19.48 4.35
N ARG A 68 -7.47 -20.71 4.38
CA ARG A 68 -6.10 -20.93 3.93
C ARG A 68 -6.00 -21.13 2.42
N LEU A 69 -7.02 -21.71 1.78
CA LEU A 69 -7.04 -21.88 0.34
C LEU A 69 -7.38 -20.61 -0.43
N LYS A 70 -7.90 -19.59 0.25
CA LYS A 70 -8.30 -18.34 -0.42
C LYS A 70 -7.26 -17.79 -1.39
N PRO A 71 -5.97 -17.68 -1.04
CA PRO A 71 -5.00 -17.21 -2.05
C PRO A 71 -4.72 -18.22 -3.15
N HIS A 72 -4.61 -19.51 -2.82
CA HIS A 72 -4.32 -20.54 -3.82
C HIS A 72 -5.45 -20.73 -4.83
N LYS A 73 -6.59 -20.06 -4.64
CA LYS A 73 -7.58 -19.96 -5.70
C LYS A 73 -7.08 -19.21 -6.91
N ALA A 74 -6.03 -18.40 -6.75
CA ALA A 74 -5.36 -17.74 -7.86
C ALA A 74 -4.47 -18.68 -8.68
N GLY A 75 -4.48 -19.97 -8.37
CA GLY A 75 -3.50 -20.86 -8.96
C GLY A 75 -2.12 -20.59 -8.39
N VAL A 76 -1.11 -21.08 -9.11
CA VAL A 76 0.26 -20.73 -8.73
C VAL A 76 0.44 -19.23 -8.94
N GLN A 77 0.92 -18.55 -7.92
CA GLN A 77 1.23 -17.13 -8.00
C GLN A 77 2.69 -16.80 -7.74
N TRP A 78 3.42 -17.64 -7.01
CA TRP A 78 4.88 -17.58 -6.97
C TRP A 78 5.45 -18.36 -8.13
N ARG A 79 5.65 -17.65 -9.24
CA ARG A 79 6.46 -18.11 -10.35
C ARG A 79 7.05 -16.84 -10.96
N PHE A 80 7.92 -17.00 -11.95
CA PHE A 80 8.73 -15.87 -12.38
C PHE A 80 7.86 -14.68 -12.75
N ALA A 81 6.80 -14.91 -13.51
CA ALA A 81 5.90 -13.81 -13.84
C ALA A 81 5.29 -13.21 -12.58
N GLY A 82 4.79 -14.08 -11.69
CA GLY A 82 4.21 -13.59 -10.45
C GLY A 82 5.21 -13.10 -9.44
N SER A 83 6.46 -13.55 -9.51
CA SER A 83 7.49 -12.97 -8.64
C SER A 83 7.92 -11.59 -9.14
N PHE A 84 7.93 -11.38 -10.45
CA PHE A 84 8.15 -10.05 -10.99
C PHE A 84 7.01 -9.11 -10.62
N TYR A 85 5.78 -9.58 -10.71
CA TYR A 85 4.63 -8.77 -10.28
C TYR A 85 4.69 -8.44 -8.80
N PHE A 86 5.05 -9.40 -7.97
CA PHE A 86 5.30 -9.11 -6.56
C PHE A 86 6.39 -8.06 -6.37
N ALA A 87 7.54 -8.24 -7.00
CA ALA A 87 8.62 -7.26 -6.86
C ALA A 87 8.19 -5.86 -7.27
N ILE A 88 7.43 -5.74 -8.36
CA ILE A 88 6.82 -4.45 -8.69
C ILE A 88 6.02 -3.90 -7.52
N THR A 89 5.12 -4.72 -6.96
CA THR A 89 4.27 -4.21 -5.90
C THR A 89 5.01 -3.94 -4.59
N VAL A 90 6.20 -4.52 -4.41
CA VAL A 90 7.03 -4.16 -3.26
C VAL A 90 7.75 -2.82 -3.48
N ILE A 91 8.56 -2.71 -4.53
CA ILE A 91 9.39 -1.52 -4.63
C ILE A 91 8.60 -0.26 -4.99
N THR A 92 7.49 -0.39 -5.70
CA THR A 92 6.63 0.76 -5.89
C THR A 92 5.79 1.08 -4.66
N THR A 93 5.87 0.24 -3.63
CA THR A 93 5.06 0.31 -2.42
C THR A 93 3.57 0.20 -2.66
N ILE A 94 3.12 -0.36 -3.78
CA ILE A 94 1.70 -0.61 -3.92
C ILE A 94 1.27 -1.65 -2.90
N GLY A 95 2.00 -2.77 -2.85
CA GLY A 95 1.72 -3.83 -1.89
C GLY A 95 0.29 -4.30 -1.83
N TYR A 96 -0.19 -4.96 -2.88
CA TYR A 96 -1.53 -5.51 -2.82
C TYR A 96 -1.66 -6.55 -1.72
N GLY A 97 -0.66 -7.40 -1.59
CA GLY A 97 -0.68 -8.39 -0.54
C GLY A 97 -1.50 -9.61 -0.87
N HIS A 98 -1.90 -9.78 -2.13
CA HIS A 98 -2.46 -11.04 -2.56
C HIS A 98 -1.41 -12.14 -2.59
N ALA A 99 -0.21 -11.82 -3.04
CA ALA A 99 0.98 -12.61 -2.75
C ALA A 99 1.78 -11.91 -1.67
N ALA A 100 2.13 -12.64 -0.62
CA ALA A 100 3.03 -12.13 0.39
C ALA A 100 3.91 -13.25 0.91
N PRO A 101 5.16 -12.96 1.24
CA PRO A 101 6.13 -14.03 1.51
C PRO A 101 5.67 -14.92 2.65
N SER A 102 5.67 -16.23 2.40
CA SER A 102 5.20 -17.17 3.41
C SER A 102 6.30 -17.62 4.36
N THR A 103 7.52 -17.80 3.87
CA THR A 103 8.61 -18.26 4.70
C THR A 103 9.30 -17.08 5.39
N ASP A 104 9.94 -17.37 6.53
CA ASP A 104 10.73 -16.36 7.20
C ASP A 104 11.90 -15.87 6.37
N GLY A 105 12.48 -16.74 5.54
CA GLY A 105 13.52 -16.29 4.64
C GLY A 105 13.02 -15.34 3.56
N GLY A 106 11.84 -15.62 3.01
CA GLY A 106 11.21 -14.69 2.11
C GLY A 106 10.86 -13.37 2.76
N LYS A 107 10.52 -13.39 4.04
CA LYS A 107 10.27 -12.13 4.76
C LYS A 107 11.54 -11.33 4.96
N VAL A 108 12.62 -11.97 5.42
CA VAL A 108 13.88 -11.24 5.61
C VAL A 108 14.38 -10.67 4.29
N PHE A 109 14.34 -11.46 3.23
CA PHE A 109 14.76 -10.92 1.95
C PHE A 109 13.83 -9.81 1.48
N CYS A 110 12.52 -9.95 1.67
CA CYS A 110 11.60 -8.88 1.32
C CYS A 110 11.92 -7.58 2.05
N MET A 111 12.30 -7.67 3.32
CA MET A 111 12.68 -6.48 4.06
C MET A 111 13.92 -5.81 3.49
N PHE A 112 14.97 -6.58 3.20
CA PHE A 112 16.15 -5.94 2.59
C PHE A 112 15.90 -5.47 1.17
N TYR A 113 15.07 -6.18 0.43
CA TYR A 113 14.73 -5.78 -0.93
C TYR A 113 13.96 -4.48 -0.95
N ALA A 114 12.98 -4.31 -0.06
CA ALA A 114 12.30 -3.04 0.02
C ALA A 114 13.26 -1.95 0.47
N LEU A 115 14.11 -2.26 1.45
CA LEU A 115 15.01 -1.26 2.02
C LEU A 115 15.88 -0.62 0.96
N LEU A 116 16.51 -1.42 0.11
CA LEU A 116 17.29 -0.81 -0.98
C LEU A 116 16.45 -0.37 -2.17
N GLY A 117 15.31 -1.01 -2.41
CA GLY A 117 14.52 -0.73 -3.60
C GLY A 117 13.67 0.53 -3.61
N ILE A 118 13.11 0.92 -2.47
CA ILE A 118 12.21 2.07 -2.45
C ILE A 118 12.91 3.40 -2.68
N PRO A 119 14.03 3.73 -2.02
CA PRO A 119 14.78 4.93 -2.42
C PRO A 119 15.11 4.98 -3.90
N LEU A 120 15.66 3.89 -4.43
CA LEU A 120 16.02 3.84 -5.85
C LEU A 120 14.83 4.09 -6.76
N THR A 121 13.66 3.57 -6.41
CA THR A 121 12.48 3.78 -7.23
C THR A 121 11.94 5.20 -7.12
N LEU A 122 11.99 5.80 -5.93
CA LEU A 122 11.63 7.21 -5.82
C LEU A 122 12.55 8.09 -6.66
N VAL A 123 13.85 7.82 -6.64
CA VAL A 123 14.78 8.62 -7.43
C VAL A 123 14.59 8.40 -8.92
N MET A 124 14.27 7.17 -9.34
CA MET A 124 13.91 6.95 -10.74
C MET A 124 12.67 7.75 -11.14
N PHE A 125 11.56 7.58 -10.43
CA PHE A 125 10.35 8.26 -10.87
C PHE A 125 10.45 9.78 -10.76
N GLN A 126 11.24 10.30 -9.83
CA GLN A 126 11.53 11.72 -9.83
C GLN A 126 12.31 12.15 -11.07
N SER A 127 13.42 11.47 -11.37
CA SER A 127 14.23 11.88 -12.51
C SER A 127 13.44 11.80 -13.81
N LEU A 128 12.75 10.68 -14.03
CA LEU A 128 11.97 10.50 -15.24
C LEU A 128 10.78 11.46 -15.32
N GLY A 129 10.16 11.76 -14.18
CA GLY A 129 9.11 12.76 -14.19
C GLY A 129 9.61 14.14 -14.57
N GLU A 130 10.77 14.52 -14.04
CA GLU A 130 11.33 15.83 -14.40
C GLU A 130 11.77 15.88 -15.85
N ARG A 131 12.23 14.77 -16.41
CA ARG A 131 12.50 14.72 -17.84
C ARG A 131 11.25 14.96 -18.67
N ILE A 132 10.16 14.26 -18.35
CA ILE A 132 8.96 14.47 -19.17
C ILE A 132 8.31 15.82 -18.93
N ASN A 133 8.46 16.41 -17.73
CA ASN A 133 8.07 17.82 -17.57
C ASN A 133 8.89 18.74 -18.46
N THR A 134 10.18 18.49 -18.57
CA THR A 134 11.01 19.32 -19.45
C THR A 134 10.58 19.17 -20.90
N LEU A 135 10.30 17.93 -21.31
CA LEU A 135 9.76 17.68 -22.65
C LEU A 135 8.45 18.41 -22.90
N VAL A 136 7.54 18.41 -21.92
CA VAL A 136 6.29 19.15 -22.08
C VAL A 136 6.54 20.64 -22.22
N ARG A 137 7.42 21.21 -21.41
CA ARG A 137 7.79 22.62 -21.58
C ARG A 137 8.34 22.88 -22.97
N TYR A 138 9.26 22.04 -23.44
CA TYR A 138 9.88 22.24 -24.74
C TYR A 138 8.85 22.19 -25.86
N LEU A 139 8.06 21.12 -25.91
CA LEU A 139 7.08 20.97 -26.98
C LEU A 139 5.99 22.04 -26.92
N LEU A 140 5.56 22.45 -25.72
CA LEU A 140 4.57 23.51 -25.63
C LEU A 140 5.14 24.85 -26.08
N HIS A 141 6.42 25.10 -25.80
CA HIS A 141 7.08 26.29 -26.34
C HIS A 141 7.18 26.24 -27.86
N ARG A 142 7.59 25.09 -28.40
CA ARG A 142 7.63 24.92 -29.85
C ARG A 142 6.26 25.12 -30.49
N ALA A 143 5.19 24.76 -29.79
CA ALA A 143 3.85 24.97 -30.32
C ALA A 143 3.41 26.44 -30.27
N LYS A 144 4.11 27.29 -29.54
CA LYS A 144 3.72 28.69 -29.43
C LYS A 144 3.90 29.43 -30.76
N ASP A 153 5.45 31.79 -24.82
CA ASP A 153 5.82 31.57 -23.42
C ASP A 153 5.04 30.40 -22.82
N VAL A 154 5.51 29.92 -21.67
CA VAL A 154 4.88 28.81 -20.96
C VAL A 154 4.74 29.21 -19.50
N SER A 155 3.61 28.82 -18.89
CA SER A 155 3.33 29.18 -17.51
C SER A 155 2.73 27.99 -16.78
N MET A 156 2.72 28.09 -15.45
CA MET A 156 2.15 27.05 -14.60
C MET A 156 0.70 26.74 -14.96
N ALA A 157 -0.06 27.75 -15.41
CA ALA A 157 -1.44 27.51 -15.82
C ALA A 157 -1.54 26.55 -17.00
N ASN A 158 -0.52 26.51 -17.86
CA ASN A 158 -0.51 25.52 -18.93
C ASN A 158 0.08 24.19 -18.49
N MET A 159 1.19 24.22 -17.75
CA MET A 159 1.84 22.98 -17.34
C MET A 159 0.93 22.15 -16.44
N VAL A 160 0.28 22.78 -15.47
CA VAL A 160 -0.60 22.04 -14.56
C VAL A 160 -1.81 21.50 -15.29
N LEU A 161 -2.34 22.26 -16.25
CA LEU A 161 -3.46 21.79 -17.06
C LEU A 161 -3.08 20.55 -17.87
N ILE A 162 -1.92 20.59 -18.52
CA ILE A 162 -1.48 19.44 -19.31
C ILE A 162 -1.19 18.24 -18.42
N GLY A 163 -0.58 18.46 -17.26
CA GLY A 163 -0.38 17.36 -16.33
C GLY A 163 -1.68 16.74 -15.86
N PHE A 164 -2.66 17.58 -15.52
CA PHE A 164 -3.94 17.10 -15.02
C PHE A 164 -4.66 16.27 -16.08
N PHE A 165 -4.76 16.79 -17.30
CA PHE A 165 -5.38 15.98 -18.35
C PHE A 165 -4.57 14.75 -18.75
N SER A 166 -3.24 14.75 -18.54
CA SER A 166 -2.49 13.52 -18.76
C SER A 166 -2.79 12.46 -17.70
N CYS A 167 -3.03 12.88 -16.46
CA CYS A 167 -3.47 11.94 -15.44
C CYS A 167 -4.87 11.40 -15.76
N ILE A 168 -5.82 12.29 -16.05
CA ILE A 168 -7.17 11.84 -16.37
C ILE A 168 -7.17 10.91 -17.59
N SER A 169 -6.33 11.21 -18.59
CA SER A 169 -6.18 10.31 -19.73
C SER A 169 -5.67 8.93 -19.32
N THR A 170 -4.60 8.86 -18.53
CA THR A 170 -4.09 7.54 -18.18
C THR A 170 -5.04 6.74 -17.28
N LEU A 171 -5.85 7.42 -16.47
CA LEU A 171 -6.92 6.73 -15.77
C LEU A 171 -7.99 6.22 -16.72
N CYS A 172 -8.44 7.04 -17.66
CA CYS A 172 -9.48 6.58 -18.58
C CYS A 172 -9.01 5.40 -19.43
N ILE A 173 -7.81 5.48 -20.02
CA ILE A 173 -7.37 4.34 -20.81
C ILE A 173 -7.00 3.12 -19.97
N GLY A 174 -6.68 3.31 -18.69
CA GLY A 174 -6.55 2.15 -17.82
C GLY A 174 -7.87 1.48 -17.54
N ALA A 175 -8.87 2.28 -17.17
CA ALA A 175 -10.19 1.72 -16.93
C ALA A 175 -10.75 1.04 -18.18
N ALA A 176 -10.56 1.65 -19.35
CA ALA A 176 -11.00 1.04 -20.60
C ALA A 176 -10.29 -0.28 -20.88
N ALA A 177 -8.99 -0.37 -20.58
CA ALA A 177 -8.31 -1.65 -20.77
C ALA A 177 -8.78 -2.72 -19.78
N PHE A 178 -8.71 -2.41 -18.49
CA PHE A 178 -9.02 -3.42 -17.47
C PHE A 178 -10.49 -3.82 -17.43
N SER A 179 -11.42 -2.92 -17.70
CA SER A 179 -12.82 -3.36 -17.78
C SER A 179 -13.07 -4.25 -18.98
N HIS A 180 -12.15 -4.33 -19.93
CA HIS A 180 -12.25 -5.27 -21.03
C HIS A 180 -11.56 -6.59 -20.73
N TYR A 181 -10.35 -6.56 -20.16
CA TYR A 181 -9.65 -7.81 -19.88
C TYR A 181 -10.19 -8.55 -18.67
N GLU A 182 -10.55 -7.84 -17.60
CA GLU A 182 -10.94 -8.49 -16.35
C GLU A 182 -12.44 -8.60 -16.19
N HIS A 183 -13.22 -8.03 -17.10
CA HIS A 183 -14.68 -8.02 -17.07
C HIS A 183 -15.24 -7.32 -15.84
N TRP A 184 -14.46 -6.48 -15.19
CA TRP A 184 -15.01 -5.52 -14.25
C TRP A 184 -15.85 -4.48 -15.00
N THR A 185 -16.80 -3.87 -14.31
CA THR A 185 -17.45 -2.72 -14.89
C THR A 185 -16.46 -1.57 -15.02
N PHE A 186 -16.82 -0.55 -15.80
CA PHE A 186 -15.92 0.57 -15.99
C PHE A 186 -15.60 1.28 -14.68
N PHE A 187 -16.60 1.51 -13.84
CA PHE A 187 -16.32 2.15 -12.55
C PHE A 187 -15.40 1.33 -11.67
N GLN A 188 -15.59 0.02 -11.63
CA GLN A 188 -14.68 -0.83 -10.87
C GLN A 188 -13.25 -0.77 -11.41
N ALA A 189 -13.09 -0.81 -12.73
CA ALA A 189 -11.75 -0.73 -13.30
C ALA A 189 -11.12 0.63 -13.07
N TYR A 190 -11.91 1.70 -13.14
CA TYR A 190 -11.40 3.03 -12.85
C TYR A 190 -10.98 3.17 -11.39
N TYR A 191 -11.78 2.62 -10.48
CA TYR A 191 -11.39 2.55 -9.08
C TYR A 191 -10.09 1.78 -8.87
N TYR A 192 -9.98 0.59 -9.47
CA TYR A 192 -8.73 -0.16 -9.39
C TYR A 192 -7.53 0.61 -9.94
N CYS A 193 -7.71 1.34 -11.04
CA CYS A 193 -6.61 2.15 -11.56
C CYS A 193 -6.22 3.26 -10.59
N PHE A 194 -7.20 3.99 -10.08
CA PHE A 194 -6.88 5.07 -9.15
C PHE A 194 -6.20 4.55 -7.90
N ILE A 195 -6.72 3.47 -7.32
CA ILE A 195 -6.12 2.87 -6.13
C ILE A 195 -4.74 2.26 -6.40
N THR A 196 -4.45 1.86 -7.62
CA THR A 196 -3.10 1.41 -7.92
C THR A 196 -2.13 2.57 -8.10
N LEU A 197 -2.50 3.57 -8.89
CA LEU A 197 -1.55 4.62 -9.24
C LEU A 197 -1.30 5.62 -8.12
N THR A 198 -2.21 5.78 -7.16
CA THR A 198 -1.84 6.47 -5.93
C THR A 198 -0.98 5.61 -5.01
N THR A 199 -0.73 4.37 -5.38
CA THR A 199 -0.02 3.38 -4.57
C THR A 199 -0.73 3.03 -3.27
N ILE A 200 -2.02 3.33 -3.13
CA ILE A 200 -2.74 2.82 -1.96
C ILE A 200 -2.80 1.31 -2.02
N GLY A 201 -3.36 0.77 -3.10
CA GLY A 201 -3.36 -0.66 -3.32
C GLY A 201 -4.02 -1.48 -2.23
N PHE A 202 -5.34 -1.32 -2.03
CA PHE A 202 -6.01 -2.13 -1.02
C PHE A 202 -5.85 -3.61 -1.31
N GLY A 203 -6.04 -4.01 -2.56
CA GLY A 203 -5.95 -5.40 -2.93
C GLY A 203 -7.27 -6.13 -2.93
N ASP A 204 -8.38 -5.41 -2.86
CA ASP A 204 -9.70 -6.01 -3.06
C ASP A 204 -9.96 -6.30 -4.53
N TYR A 205 -9.54 -5.41 -5.43
CA TYR A 205 -9.38 -5.73 -6.84
C TYR A 205 -7.91 -5.82 -7.17
N VAL A 206 -7.51 -6.92 -7.80
CA VAL A 206 -6.13 -7.11 -8.27
C VAL A 206 -6.19 -7.71 -9.66
N ALA A 207 -5.40 -7.16 -10.57
CA ALA A 207 -5.30 -7.70 -11.92
C ALA A 207 -4.45 -8.96 -11.94
N LEU A 208 -4.50 -9.67 -13.07
CA LEU A 208 -3.71 -10.84 -13.41
C LEU A 208 -4.05 -12.11 -12.63
N GLN A 209 -5.07 -12.08 -11.77
CA GLN A 209 -5.36 -13.25 -10.94
C GLN A 209 -6.25 -14.27 -11.65
N LYS A 210 -7.15 -13.83 -12.53
CA LYS A 210 -8.06 -14.74 -13.21
C LYS A 210 -7.36 -15.53 -14.31
N ASP A 211 -7.97 -16.68 -14.63
CA ASP A 211 -7.65 -17.48 -15.82
C ASP A 211 -6.17 -17.81 -15.98
N GLN A 212 -5.45 -17.94 -14.86
CA GLN A 212 -4.02 -18.25 -14.88
C GLN A 212 -3.22 -17.29 -15.77
N ALA A 213 -3.65 -16.03 -15.79
CA ALA A 213 -3.07 -15.05 -16.71
C ALA A 213 -1.56 -14.95 -16.53
N LEU A 214 -1.08 -15.10 -15.30
CA LEU A 214 0.36 -15.04 -15.03
C LEU A 214 1.17 -16.06 -15.82
N GLN A 215 0.57 -17.18 -16.21
CA GLN A 215 1.25 -18.15 -17.06
C GLN A 215 0.56 -18.42 -18.39
N THR A 216 -0.43 -17.62 -18.77
CA THR A 216 -1.26 -17.92 -19.93
C THR A 216 -1.41 -16.76 -20.89
N GLN A 217 -1.20 -15.53 -20.47
CA GLN A 217 -1.43 -14.35 -21.31
C GLN A 217 -0.26 -13.37 -21.20
N PRO A 218 0.95 -13.78 -21.59
CA PRO A 218 2.11 -12.88 -21.51
C PRO A 218 1.88 -11.49 -22.09
N GLN A 219 1.05 -11.35 -23.11
CA GLN A 219 0.77 -10.02 -23.65
C GLN A 219 0.04 -9.15 -22.65
N TYR A 220 -0.88 -9.73 -21.88
CA TYR A 220 -1.62 -8.95 -20.89
C TYR A 220 -0.80 -8.70 -19.63
N VAL A 221 0.03 -9.66 -19.24
CA VAL A 221 0.99 -9.41 -18.17
C VAL A 221 1.93 -8.26 -18.52
N ALA A 222 2.48 -8.28 -19.74
CA ALA A 222 3.33 -7.18 -20.20
C ALA A 222 2.58 -5.86 -20.20
N PHE A 223 1.35 -5.84 -20.71
CA PHE A 223 0.57 -4.61 -20.66
C PHE A 223 0.41 -4.10 -19.24
N SER A 224 0.11 -4.99 -18.29
CA SER A 224 -0.16 -4.52 -16.94
C SER A 224 1.10 -3.98 -16.26
N PHE A 225 2.25 -4.64 -16.47
CA PHE A 225 3.48 -4.10 -15.90
C PHE A 225 3.86 -2.77 -16.52
N VAL A 226 3.69 -2.63 -17.83
CA VAL A 226 3.98 -1.36 -18.49
C VAL A 226 3.01 -0.27 -18.07
N TYR A 227 1.73 -0.61 -17.89
CA TYR A 227 0.77 0.38 -17.44
C TYR A 227 1.08 0.86 -16.03
N ILE A 228 1.38 -0.06 -15.11
CA ILE A 228 1.71 0.34 -13.75
C ILE A 228 2.93 1.25 -13.75
N LEU A 229 4.02 0.84 -14.41
CA LEU A 229 5.23 1.66 -14.39
C LEU A 229 5.11 2.95 -15.20
N THR A 230 4.21 3.04 -16.17
CA THR A 230 3.95 4.30 -16.87
C THR A 230 3.04 5.24 -16.08
N GLY A 231 1.94 4.73 -15.56
CA GLY A 231 1.03 5.57 -14.80
C GLY A 231 1.67 6.11 -13.54
N LEU A 232 2.50 5.31 -12.88
CA LEU A 232 3.25 5.84 -11.75
C LEU A 232 4.19 6.96 -12.17
N THR A 233 4.81 6.84 -13.34
CA THR A 233 5.64 7.93 -13.85
C THR A 233 4.85 9.20 -14.14
N VAL A 234 3.67 9.07 -14.73
CA VAL A 234 2.85 10.26 -15.00
C VAL A 234 2.35 10.91 -13.71
N ILE A 235 1.97 10.10 -12.72
CA ILE A 235 1.61 10.66 -11.42
C ILE A 235 2.82 11.30 -10.72
N GLY A 236 3.99 10.67 -10.84
CA GLY A 236 5.20 11.29 -10.31
C GLY A 236 5.53 12.61 -10.96
N ALA A 237 5.40 12.68 -12.28
CA ALA A 237 5.54 13.95 -12.99
C ALA A 237 4.47 14.96 -12.66
N PHE A 238 3.34 14.53 -12.10
CA PHE A 238 2.38 15.52 -11.62
C PHE A 238 2.68 16.02 -10.21
N LEU A 239 3.03 15.12 -9.29
CA LEU A 239 3.46 15.56 -7.96
C LEU A 239 4.74 16.38 -8.02
N ASN A 240 5.64 16.05 -8.95
CA ASN A 240 6.85 16.83 -9.16
C ASN A 240 6.54 18.27 -9.52
N LEU A 241 5.41 18.51 -10.18
CA LEU A 241 5.00 19.84 -10.58
C LEU A 241 4.22 20.57 -9.48
N VAL A 242 3.25 19.89 -8.88
CA VAL A 242 2.26 20.53 -8.02
C VAL A 242 2.60 20.49 -6.52
N VAL A 243 3.46 19.57 -6.08
CA VAL A 243 3.74 19.40 -4.66
C VAL A 243 5.17 19.74 -4.29
N LEU A 244 6.15 19.33 -5.10
CA LEU A 244 7.52 19.76 -4.80
C LEU A 244 7.71 21.25 -4.98
N ARG A 245 6.77 21.93 -5.61
CA ARG A 245 6.73 23.39 -5.53
C ARG A 245 6.56 23.87 -4.09
N PHE A 246 5.86 23.10 -3.25
CA PHE A 246 5.57 23.52 -1.88
C PHE A 246 6.37 22.79 -0.81
N MET A 247 6.75 21.54 -1.02
CA MET A 247 7.31 20.76 0.08
C MET A 247 8.70 21.25 0.46
N THR A 248 9.56 21.50 -0.53
CA THR A 248 10.93 21.91 -0.21
C THR A 248 10.99 23.34 0.33
N MET A 249 9.88 24.07 0.30
CA MET A 249 9.89 25.50 0.59
C MET A 249 10.44 25.81 1.99
N ASN A 250 10.47 24.82 2.89
CA ASN A 250 11.17 25.03 4.16
C ASN A 250 12.64 25.34 3.96
N ALA A 251 13.25 24.81 2.89
CA ALA A 251 14.66 25.08 2.63
C ALA A 251 14.91 26.49 2.11
N GLU A 252 13.86 27.24 1.79
CA GLU A 252 14.01 28.59 1.25
C GLU A 252 14.60 29.53 2.30
N MET B 1 21.18 19.39 -21.22
CA MET B 1 22.44 18.79 -20.82
C MET B 1 22.38 17.26 -20.92
N LYS B 2 23.52 16.65 -21.21
CA LYS B 2 23.57 15.20 -21.36
C LYS B 2 23.50 14.48 -20.02
N ARG B 3 24.07 15.07 -18.97
CA ARG B 3 24.21 14.39 -17.69
C ARG B 3 22.86 13.88 -17.17
N GLN B 4 21.83 14.72 -17.22
CA GLN B 4 20.51 14.31 -16.73
C GLN B 4 19.96 13.11 -17.51
N ASN B 5 20.20 13.06 -18.82
CA ASN B 5 19.72 11.93 -19.62
C ASN B 5 20.52 10.66 -19.34
N VAL B 6 21.83 10.79 -19.15
CA VAL B 6 22.62 9.62 -18.77
C VAL B 6 22.18 9.10 -17.41
N ARG B 7 21.94 10.00 -16.46
CA ARG B 7 21.49 9.58 -15.14
C ARG B 7 20.12 8.92 -15.20
N THR B 8 19.21 9.46 -16.01
CA THR B 8 17.90 8.84 -16.18
C THR B 8 17.99 7.43 -16.73
N LEU B 9 18.79 7.23 -17.78
CA LEU B 9 18.90 5.88 -18.33
C LEU B 9 19.65 4.94 -17.40
N ALA B 10 20.62 5.44 -16.64
CA ALA B 10 21.28 4.62 -15.64
C ALA B 10 20.31 4.16 -14.55
N LEU B 11 19.39 5.04 -14.16
CA LEU B 11 18.40 4.67 -13.15
C LEU B 11 17.38 3.69 -13.71
N ILE B 12 16.93 3.88 -14.95
CA ILE B 12 15.98 2.93 -15.54
C ILE B 12 16.60 1.54 -15.66
N VAL B 13 17.80 1.46 -16.23
CA VAL B 13 18.45 0.16 -16.39
C VAL B 13 18.76 -0.47 -15.02
N CYS B 14 19.15 0.34 -14.04
CA CYS B 14 19.36 -0.19 -12.69
C CYS B 14 18.07 -0.72 -12.09
N THR B 15 16.96 -0.01 -12.25
CA THR B 15 15.70 -0.46 -11.70
C THR B 15 15.24 -1.77 -12.34
N PHE B 16 15.32 -1.90 -13.65
CA PHE B 16 14.96 -3.17 -14.29
C PHE B 16 15.90 -4.31 -13.95
N THR B 17 17.20 -4.05 -13.74
CA THR B 17 18.06 -5.09 -13.19
C THR B 17 17.64 -5.48 -11.78
N TYR B 18 17.26 -4.49 -10.98
CA TYR B 18 16.84 -4.76 -9.61
C TYR B 18 15.55 -5.57 -9.55
N LEU B 19 14.60 -5.29 -10.45
CA LEU B 19 13.42 -6.12 -10.55
C LEU B 19 13.73 -7.54 -11.01
N LEU B 20 14.58 -7.71 -12.03
CA LEU B 20 14.87 -9.07 -12.47
C LEU B 20 15.62 -9.88 -11.42
N VAL B 21 16.45 -9.24 -10.61
CA VAL B 21 17.06 -9.96 -9.49
C VAL B 21 16.04 -10.28 -8.41
N GLY B 22 15.18 -9.31 -8.07
CA GLY B 22 14.16 -9.59 -7.08
C GLY B 22 13.24 -10.72 -7.48
N ALA B 23 12.75 -10.69 -8.72
CA ALA B 23 11.89 -11.75 -9.22
C ALA B 23 12.59 -13.10 -9.18
N ALA B 24 13.85 -13.16 -9.56
CA ALA B 24 14.56 -14.44 -9.51
C ALA B 24 14.70 -14.95 -8.08
N VAL B 25 15.01 -14.07 -7.12
CA VAL B 25 15.22 -14.54 -5.76
C VAL B 25 13.89 -14.94 -5.09
N PHE B 26 12.84 -14.13 -5.25
CA PHE B 26 11.55 -14.53 -4.69
C PHE B 26 11.03 -15.82 -5.29
N ASP B 27 11.19 -16.02 -6.60
CA ASP B 27 10.77 -17.27 -7.20
C ASP B 27 11.55 -18.44 -6.61
N ALA B 28 12.88 -18.31 -6.53
CA ALA B 28 13.72 -19.35 -5.94
C ALA B 28 13.40 -19.62 -4.48
N LEU B 29 12.93 -18.63 -3.75
CA LEU B 29 12.60 -18.83 -2.33
C LEU B 29 11.22 -19.44 -2.13
N GLU B 30 10.23 -19.00 -2.90
CA GLU B 30 8.83 -19.24 -2.54
C GLU B 30 8.11 -20.25 -3.42
N SER B 31 8.52 -20.46 -4.68
CA SER B 31 7.67 -21.24 -5.56
C SER B 31 7.64 -22.73 -5.25
N GLU B 32 8.61 -23.27 -4.52
CA GLU B 32 8.49 -24.64 -4.04
C GLU B 32 7.60 -24.81 -2.81
N PRO B 33 7.83 -24.07 -1.71
CA PRO B 33 6.88 -24.10 -0.58
C PRO B 33 5.44 -23.84 -0.97
N GLU B 34 5.19 -22.96 -1.95
CA GLU B 34 3.83 -22.77 -2.42
C GLU B 34 3.22 -24.06 -2.92
N LEU B 35 3.93 -24.79 -3.78
CA LEU B 35 3.39 -26.03 -4.33
C LEU B 35 3.21 -27.09 -3.24
N ILE B 36 4.15 -27.18 -2.31
CA ILE B 36 4.01 -28.13 -1.20
C ILE B 36 2.77 -27.83 -0.36
N GLU B 37 2.61 -26.57 0.06
CA GLU B 37 1.45 -26.21 0.88
C GLU B 37 0.15 -26.33 0.11
N ARG B 38 0.15 -26.02 -1.19
CA ARG B 38 -1.05 -26.20 -1.98
C ARG B 38 -1.45 -27.67 -2.08
N GLN B 39 -0.48 -28.57 -2.25
CA GLN B 39 -0.78 -29.99 -2.21
C GLN B 39 -1.34 -30.42 -0.87
N ARG B 40 -0.74 -29.94 0.23
CA ARG B 40 -1.24 -30.29 1.56
C ARG B 40 -2.68 -29.82 1.78
N LEU B 41 -3.00 -28.61 1.34
CA LEU B 41 -4.36 -28.10 1.53
C LEU B 41 -5.35 -28.77 0.59
N GLU B 42 -4.95 -29.06 -0.65
CA GLU B 42 -5.81 -29.85 -1.53
C GLU B 42 -6.10 -31.23 -0.96
N LEU B 43 -5.16 -31.79 -0.20
CA LEU B 43 -5.42 -33.05 0.50
C LEU B 43 -6.41 -32.86 1.64
N ARG B 44 -6.14 -31.89 2.52
CA ARG B 44 -7.02 -31.67 3.68
C ARG B 44 -8.43 -31.28 3.28
N GLN B 45 -8.59 -30.55 2.17
CA GLN B 45 -9.92 -30.25 1.66
C GLN B 45 -10.73 -31.52 1.41
N GLN B 46 -10.17 -32.46 0.66
CA GLN B 46 -10.88 -33.70 0.37
C GLN B 46 -11.06 -34.55 1.62
N GLU B 47 -10.08 -34.53 2.53
CA GLU B 47 -10.25 -35.23 3.79
C GLU B 47 -11.46 -34.75 4.56
N LEU B 48 -11.57 -33.44 4.80
CA LEU B 48 -12.73 -32.93 5.54
C LEU B 48 -14.02 -33.07 4.75
N ARG B 49 -13.99 -32.79 3.45
CA ARG B 49 -15.18 -32.94 2.62
C ARG B 49 -15.75 -34.36 2.70
N ALA B 50 -14.89 -35.37 2.63
CA ALA B 50 -15.35 -36.74 2.83
C ALA B 50 -15.81 -36.98 4.27
N ARG B 51 -15.04 -36.49 5.26
CA ARG B 51 -15.38 -36.68 6.66
C ARG B 51 -16.76 -36.12 7.01
N TYR B 52 -17.22 -35.10 6.30
CA TYR B 52 -18.56 -34.57 6.53
C TYR B 52 -19.52 -34.83 5.37
N ASN B 53 -19.16 -35.73 4.45
CA ASN B 53 -20.03 -36.14 3.35
C ASN B 53 -20.63 -34.95 2.60
N LEU B 54 -19.79 -33.96 2.30
CA LEU B 54 -20.26 -32.68 1.81
C LEU B 54 -20.28 -32.70 0.29
N SER B 55 -21.44 -32.39 -0.28
CA SER B 55 -21.56 -32.30 -1.73
C SER B 55 -20.70 -31.17 -2.28
N GLN B 56 -20.18 -31.38 -3.49
CA GLN B 56 -19.28 -30.42 -4.11
C GLN B 56 -19.95 -29.05 -4.25
N GLY B 57 -21.24 -29.02 -4.61
CA GLY B 57 -21.96 -27.76 -4.63
C GLY B 57 -22.11 -27.14 -3.25
N GLY B 58 -22.36 -27.98 -2.25
CA GLY B 58 -22.44 -27.49 -0.89
C GLY B 58 -21.11 -26.95 -0.39
N TYR B 59 -20.01 -27.62 -0.72
CA TYR B 59 -18.70 -27.08 -0.42
C TYR B 59 -18.46 -25.75 -1.14
N GLU B 60 -18.86 -25.64 -2.40
CA GLU B 60 -18.75 -24.38 -3.12
C GLU B 60 -19.52 -23.25 -2.43
N GLU B 61 -20.74 -23.53 -1.99
CA GLU B 61 -21.53 -22.51 -1.29
C GLU B 61 -20.94 -22.15 0.06
N LEU B 62 -20.50 -23.15 0.84
CA LEU B 62 -19.85 -22.85 2.10
C LEU B 62 -18.57 -22.05 1.90
N GLU B 63 -17.81 -22.35 0.85
CA GLU B 63 -16.65 -21.54 0.52
C GLU B 63 -17.02 -20.10 0.22
N ARG B 64 -18.06 -19.90 -0.59
CA ARG B 64 -18.52 -18.53 -0.86
C ARG B 64 -18.92 -17.78 0.41
N VAL B 65 -19.63 -18.46 1.31
CA VAL B 65 -20.04 -17.83 2.55
C VAL B 65 -18.82 -17.49 3.43
N VAL B 66 -17.93 -18.44 3.62
CA VAL B 66 -16.75 -18.18 4.45
C VAL B 66 -15.91 -17.05 3.86
N LEU B 67 -15.72 -17.04 2.55
CA LEU B 67 -14.94 -15.99 1.91
C LEU B 67 -15.62 -14.64 1.95
N ARG B 68 -16.94 -14.58 2.12
CA ARG B 68 -17.56 -13.29 2.39
C ARG B 68 -17.53 -12.89 3.86
N LEU B 69 -17.58 -13.86 4.78
CA LEU B 69 -17.48 -13.57 6.21
C LEU B 69 -16.06 -13.30 6.68
N LYS B 70 -15.05 -13.60 5.88
CA LYS B 70 -13.66 -13.40 6.28
C LYS B 70 -13.37 -12.04 6.90
N PRO B 71 -13.80 -10.90 6.32
CA PRO B 71 -13.55 -9.62 7.01
C PRO B 71 -14.40 -9.42 8.26
N HIS B 72 -15.67 -9.82 8.23
CA HIS B 72 -16.55 -9.64 9.39
C HIS B 72 -16.14 -10.49 10.59
N LYS B 73 -15.14 -11.36 10.45
CA LYS B 73 -14.50 -11.99 11.59
C LYS B 73 -13.80 -10.98 12.48
N ALA B 74 -13.48 -9.79 11.95
CA ALA B 74 -12.93 -8.70 12.75
C ALA B 74 -13.97 -8.00 13.60
N GLY B 75 -15.20 -8.49 13.63
CA GLY B 75 -16.28 -7.74 14.24
C GLY B 75 -16.64 -6.53 13.40
N VAL B 76 -17.34 -5.58 14.02
CA VAL B 76 -17.58 -4.32 13.35
C VAL B 76 -16.24 -3.61 13.16
N GLN B 77 -15.96 -3.21 11.93
CA GLN B 77 -14.77 -2.44 11.61
C GLN B 77 -15.05 -1.07 11.04
N TRP B 78 -16.21 -0.85 10.43
CA TRP B 78 -16.69 0.49 10.12
C TRP B 78 -17.42 1.06 11.33
N ARG B 79 -16.66 1.73 12.18
CA ARG B 79 -17.18 2.59 13.21
C ARG B 79 -16.14 3.69 13.39
N PHE B 80 -16.44 4.68 14.23
CA PHE B 80 -15.63 5.89 14.22
C PHE B 80 -14.16 5.57 14.43
N ALA B 81 -13.85 4.71 15.40
CA ALA B 81 -12.45 4.32 15.58
C ALA B 81 -11.90 3.65 14.34
N GLY B 82 -12.66 2.69 13.79
CA GLY B 82 -12.21 2.02 12.59
C GLY B 82 -12.30 2.85 11.32
N SER B 83 -13.17 3.86 11.29
CA SER B 83 -13.15 4.77 10.15
C SER B 83 -11.98 5.74 10.22
N PHE B 84 -11.55 6.13 11.42
CA PHE B 84 -10.33 6.89 11.57
C PHE B 84 -9.11 6.07 11.18
N TYR B 85 -9.08 4.81 11.59
CA TYR B 85 -7.99 3.92 11.18
C TYR B 85 -7.95 3.72 9.67
N PHE B 86 -9.11 3.53 9.04
CA PHE B 86 -9.17 3.51 7.59
C PHE B 86 -8.65 4.79 6.96
N ALA B 87 -9.13 5.95 7.43
CA ALA B 87 -8.65 7.22 6.86
C ALA B 87 -7.14 7.37 6.99
N ILE B 88 -6.56 6.98 8.13
CA ILE B 88 -5.11 6.93 8.24
C ILE B 88 -4.51 6.08 7.12
N THR B 89 -5.02 4.87 6.94
CA THR B 89 -4.42 3.98 5.94
C THR B 89 -4.67 4.44 4.50
N VAL B 90 -5.66 5.29 4.27
CA VAL B 90 -5.83 5.88 2.95
C VAL B 90 -4.84 7.02 2.70
N ILE B 91 -4.86 8.06 3.54
CA ILE B 91 -4.06 9.23 3.21
C ILE B 91 -2.56 9.00 3.37
N THR B 92 -2.15 8.12 4.28
CA THR B 92 -0.74 7.75 4.32
C THR B 92 -0.36 6.78 3.21
N THR B 93 -1.32 6.33 2.42
CA THR B 93 -1.17 5.32 1.38
C THR B 93 -0.68 3.98 1.89
N ILE B 94 -0.83 3.66 3.17
CA ILE B 94 -0.52 2.31 3.61
C ILE B 94 -1.49 1.33 2.95
N GLY B 95 -2.78 1.63 3.05
CA GLY B 95 -3.81 0.80 2.45
C GLY B 95 -3.73 -0.67 2.75
N TYR B 96 -3.99 -1.07 3.99
CA TYR B 96 -4.00 -2.49 4.30
C TYR B 96 -5.09 -3.21 3.53
N GLY B 97 -6.26 -2.60 3.44
CA GLY B 97 -7.33 -3.20 2.68
C GLY B 97 -8.10 -4.26 3.42
N HIS B 98 -7.89 -4.37 4.74
CA HIS B 98 -8.76 -5.20 5.56
C HIS B 98 -10.15 -4.57 5.68
N ALA B 99 -10.22 -3.26 5.83
CA ALA B 99 -11.42 -2.50 5.54
C ALA B 99 -11.26 -1.80 4.21
N ALA B 100 -12.24 -1.98 3.32
CA ALA B 100 -12.27 -1.24 2.08
C ALA B 100 -13.70 -0.92 1.71
N PRO B 101 -13.96 0.24 1.11
CA PRO B 101 -15.34 0.71 0.95
C PRO B 101 -16.18 -0.27 0.15
N SER B 102 -17.33 -0.63 0.71
CA SER B 102 -18.19 -1.61 0.06
C SER B 102 -19.16 -0.99 -0.93
N THR B 103 -19.69 0.19 -0.62
CA THR B 103 -20.66 0.85 -1.49
C THR B 103 -19.95 1.67 -2.54
N ASP B 104 -20.64 1.89 -3.67
CA ASP B 104 -20.13 2.77 -4.71
C ASP B 104 -19.96 4.21 -4.22
N GLY B 105 -20.83 4.66 -3.31
CA GLY B 105 -20.65 5.98 -2.73
C GLY B 105 -19.41 6.09 -1.86
N GLY B 106 -19.15 5.06 -1.07
CA GLY B 106 -17.91 5.00 -0.32
C GLY B 106 -16.68 4.95 -1.20
N LYS B 107 -16.79 4.32 -2.37
CA LYS B 107 -15.68 4.31 -3.31
C LYS B 107 -15.44 5.69 -3.92
N VAL B 108 -16.50 6.36 -4.39
CA VAL B 108 -16.33 7.70 -4.96
C VAL B 108 -15.76 8.66 -3.93
N PHE B 109 -16.30 8.63 -2.71
CA PHE B 109 -15.74 9.50 -1.69
C PHE B 109 -14.31 9.13 -1.36
N CYS B 110 -13.99 7.84 -1.29
CA CYS B 110 -12.61 7.42 -1.05
C CYS B 110 -11.66 7.96 -2.11
N MET B 111 -12.10 7.97 -3.37
CA MET B 111 -11.27 8.51 -4.44
C MET B 111 -11.02 10.01 -4.27
N PHE B 112 -12.06 10.79 -3.98
CA PHE B 112 -11.81 12.22 -3.75
C PHE B 112 -11.04 12.49 -2.46
N TYR B 113 -11.26 11.68 -1.44
CA TYR B 113 -10.55 11.84 -0.19
C TYR B 113 -9.07 11.56 -0.35
N ALA B 114 -8.72 10.49 -1.08
CA ALA B 114 -7.30 10.26 -1.35
C ALA B 114 -6.74 11.38 -2.21
N LEU B 115 -7.50 11.83 -3.22
CA LEU B 115 -7.01 12.83 -4.16
C LEU B 115 -6.57 14.09 -3.44
N LEU B 116 -7.38 14.61 -2.54
CA LEU B 116 -6.93 15.79 -1.80
C LEU B 116 -6.02 15.45 -0.62
N GLY B 117 -6.14 14.27 -0.03
CA GLY B 117 -5.39 13.92 1.15
C GLY B 117 -3.93 13.55 1.01
N ILE B 118 -3.56 12.89 -0.08
CA ILE B 118 -2.18 12.43 -0.23
C ILE B 118 -1.18 13.56 -0.45
N PRO B 119 -1.40 14.52 -1.35
CA PRO B 119 -0.52 15.70 -1.39
C PRO B 119 -0.34 16.38 -0.04
N LEU B 120 -1.44 16.66 0.64
CA LEU B 120 -1.39 17.32 1.94
C LEU B 120 -0.56 16.53 2.95
N THR B 121 -0.68 15.21 2.94
CA THR B 121 0.09 14.40 3.88
C THR B 121 1.57 14.33 3.51
N LEU B 122 1.90 14.29 2.21
CA LEU B 122 3.30 14.38 1.84
C LEU B 122 3.91 15.71 2.27
N VAL B 123 3.18 16.81 2.08
CA VAL B 123 3.70 18.11 2.49
C VAL B 123 3.82 18.23 4.01
N MET B 124 2.90 17.63 4.76
CA MET B 124 3.05 17.58 6.20
C MET B 124 4.31 16.81 6.60
N PHE B 125 4.44 15.56 6.16
CA PHE B 125 5.59 14.79 6.62
C PHE B 125 6.91 15.34 6.12
N GLN B 126 6.94 16.00 4.97
CA GLN B 126 8.14 16.72 4.58
C GLN B 126 8.45 17.88 5.53
N SER B 127 7.48 18.75 5.79
CA SER B 127 7.75 19.90 6.65
C SER B 127 8.18 19.46 8.04
N LEU B 128 7.45 18.53 8.64
CA LEU B 128 7.78 18.06 9.97
C LEU B 128 9.10 17.30 10.01
N GLY B 129 9.42 16.54 8.96
CA GLY B 129 10.72 15.91 8.90
C GLY B 129 11.86 16.91 8.85
N GLU B 130 11.69 17.96 8.04
CA GLU B 130 12.73 18.97 7.97
C GLU B 130 12.87 19.76 9.28
N ARG B 131 11.78 19.96 10.00
CA ARG B 131 11.88 20.54 11.34
C ARG B 131 12.70 19.67 12.28
N ILE B 132 12.41 18.37 12.33
CA ILE B 132 13.18 17.54 13.26
C ILE B 132 14.62 17.32 12.81
N ASN B 133 14.89 17.36 11.50
CA ASN B 133 16.29 17.41 11.07
C ASN B 133 16.99 18.68 11.55
N THR B 134 16.29 19.82 11.50
CA THR B 134 16.91 21.05 11.99
C THR B 134 17.16 20.96 13.50
N LEU B 135 16.21 20.40 14.24
CA LEU B 135 16.40 20.15 15.66
C LEU B 135 17.60 19.26 15.95
N VAL B 136 17.77 18.18 15.17
CA VAL B 136 18.93 17.32 15.35
C VAL B 136 20.22 18.06 15.08
N ARG B 137 20.28 18.85 14.01
CA ARG B 137 21.46 19.69 13.77
C ARG B 137 21.74 20.61 14.95
N TYR B 138 20.71 21.30 15.44
CA TYR B 138 20.89 22.24 16.53
C TYR B 138 21.40 21.56 17.79
N LEU B 139 20.73 20.50 18.23
CA LEU B 139 21.13 19.82 19.45
C LEU B 139 22.50 19.16 19.31
N LEU B 140 22.83 18.60 18.14
CA LEU B 140 24.14 18.02 17.96
C LEU B 140 25.23 19.08 17.97
N HIS B 141 24.95 20.26 17.42
CA HIS B 141 25.89 21.38 17.54
C HIS B 141 26.06 21.82 18.99
N ARG B 142 24.95 21.96 19.72
CA ARG B 142 25.03 22.29 21.13
C ARG B 142 25.82 21.27 21.92
N ALA B 143 25.76 20.00 21.52
CA ALA B 143 26.54 18.97 22.20
C ALA B 143 28.04 19.04 21.87
N LYS B 144 28.43 19.78 20.85
CA LYS B 144 29.84 19.84 20.47
C LYS B 144 30.67 20.57 21.53
N ASP B 153 31.26 21.30 15.01
CA ASP B 153 30.69 21.22 13.67
C ASP B 153 29.80 19.99 13.52
N VAL B 154 29.00 19.98 12.46
CA VAL B 154 28.10 18.87 12.16
C VAL B 154 28.26 18.51 10.69
N SER B 155 28.22 17.21 10.39
CA SER B 155 28.42 16.73 9.03
C SER B 155 27.42 15.62 8.73
N MET B 156 27.30 15.32 7.44
CA MET B 156 26.41 14.25 6.98
C MET B 156 26.73 12.91 7.65
N ALA B 157 28.01 12.65 7.95
CA ALA B 157 28.35 11.41 8.63
C ALA B 157 27.72 11.30 10.01
N ASN B 158 27.45 12.43 10.68
CA ASN B 158 26.72 12.38 11.93
C ASN B 158 25.21 12.39 11.73
N MET B 159 24.71 13.24 10.83
CA MET B 159 23.26 13.32 10.64
C MET B 159 22.69 12.01 10.14
N VAL B 160 23.35 11.37 9.16
CA VAL B 160 22.83 10.12 8.62
C VAL B 160 22.91 9.01 9.66
N LEU B 161 23.96 9.00 10.47
CA LEU B 161 24.08 8.02 11.56
C LEU B 161 22.95 8.17 12.57
N ILE B 162 22.66 9.40 12.99
CA ILE B 162 21.58 9.63 13.95
C ILE B 162 20.23 9.29 13.34
N GLY B 163 20.01 9.63 12.07
CA GLY B 163 18.77 9.23 11.42
C GLY B 163 18.60 7.73 11.34
N PHE B 164 19.67 7.03 10.98
CA PHE B 164 19.61 5.58 10.84
C PHE B 164 19.31 4.91 12.17
N PHE B 165 20.03 5.28 13.23
CA PHE B 165 19.69 4.71 14.53
C PHE B 165 18.34 5.16 15.07
N SER B 166 17.81 6.31 14.66
CA SER B 166 16.45 6.66 15.04
C SER B 166 15.41 5.79 14.33
N CYS B 167 15.67 5.40 13.09
CA CYS B 167 14.80 4.44 12.42
C CYS B 167 14.88 3.07 13.09
N ILE B 168 16.09 2.56 13.31
CA ILE B 168 16.22 1.26 13.96
C ILE B 168 15.58 1.26 15.34
N SER B 169 15.72 2.36 16.08
CA SER B 169 15.03 2.49 17.36
C SER B 169 13.51 2.41 17.23
N THR B 170 12.92 3.18 16.30
CA THR B 170 11.46 3.13 16.20
C THR B 170 10.94 1.78 15.71
N LEU B 171 11.72 1.07 14.90
CA LEU B 171 11.37 -0.31 14.58
C LEU B 171 11.45 -1.22 15.80
N CYS B 172 12.53 -1.14 16.58
CA CYS B 172 12.64 -2.01 17.73
C CYS B 172 11.53 -1.76 18.76
N ILE B 173 11.27 -0.49 19.10
CA ILE B 173 10.19 -0.25 20.07
C ILE B 173 8.80 -0.52 19.49
N GLY B 174 8.64 -0.48 18.17
CA GLY B 174 7.37 -0.94 17.60
C GLY B 174 7.21 -2.44 17.72
N ALA B 175 8.24 -3.19 17.34
CA ALA B 175 8.18 -4.63 17.47
C ALA B 175 7.97 -5.06 18.92
N ALA B 176 8.66 -4.40 19.86
CA ALA B 176 8.47 -4.69 21.27
C ALA B 176 7.05 -4.40 21.75
N ALA B 177 6.44 -3.33 21.26
CA ALA B 177 5.05 -3.06 21.64
C ALA B 177 4.08 -4.08 21.04
N PHE B 178 4.12 -4.23 19.72
CA PHE B 178 3.14 -5.08 19.04
C PHE B 178 3.30 -6.57 19.34
N SER B 179 4.52 -7.07 19.54
CA SER B 179 4.64 -8.46 19.96
C SER B 179 4.12 -8.69 21.37
N HIS B 180 3.87 -7.64 22.14
CA HIS B 180 3.23 -7.77 23.44
C HIS B 180 1.72 -7.63 23.36
N TYR B 181 1.21 -6.66 22.60
CA TYR B 181 -0.24 -6.49 22.52
C TYR B 181 -0.92 -7.52 21.64
N GLU B 182 -0.32 -7.88 20.50
CA GLU B 182 -0.98 -8.75 19.54
C GLU B 182 -0.55 -10.21 19.65
N HIS B 183 0.41 -10.51 20.53
CA HIS B 183 0.94 -11.85 20.74
C HIS B 183 1.58 -12.43 19.49
N TRP B 184 1.96 -11.60 18.53
CA TRP B 184 2.88 -12.03 17.49
C TRP B 184 4.26 -12.27 18.10
N THR B 185 5.05 -13.12 17.45
CA THR B 185 6.45 -13.21 17.82
C THR B 185 7.14 -11.89 17.51
N PHE B 186 8.34 -11.70 18.06
CA PHE B 186 9.07 -10.47 17.82
C PHE B 186 9.37 -10.27 16.34
N PHE B 187 9.81 -11.31 15.64
CA PHE B 187 10.08 -11.17 14.22
C PHE B 187 8.85 -10.81 13.42
N GLN B 188 7.71 -11.41 13.74
CA GLN B 188 6.47 -11.04 13.06
C GLN B 188 6.09 -9.58 13.32
N ALA B 189 6.22 -9.12 14.56
CA ALA B 189 5.89 -7.74 14.86
C ALA B 189 6.87 -6.78 14.21
N TYR B 190 8.15 -7.14 14.15
CA TYR B 190 9.13 -6.31 13.45
C TYR B 190 8.86 -6.24 11.96
N TYR B 191 8.49 -7.36 11.35
CA TYR B 191 8.05 -7.38 9.97
C TYR B 191 6.83 -6.49 9.74
N TYR B 192 5.81 -6.62 10.58
CA TYR B 192 4.65 -5.74 10.48
C TYR B 192 5.01 -4.27 10.61
N CYS B 193 5.92 -3.92 11.51
CA CYS B 193 6.35 -2.54 11.63
C CYS B 193 7.05 -2.06 10.37
N PHE B 194 8.00 -2.84 9.87
CA PHE B 194 8.71 -2.42 8.67
C PHE B 194 7.77 -2.27 7.48
N ILE B 195 6.88 -3.24 7.28
CA ILE B 195 5.91 -3.18 6.18
C ILE B 195 4.89 -2.05 6.36
N THR B 196 4.62 -1.61 7.58
CA THR B 196 3.76 -0.44 7.74
C THR B 196 4.50 0.85 7.47
N LEU B 197 5.69 1.03 8.04
CA LEU B 197 6.35 2.33 7.95
C LEU B 197 6.99 2.61 6.60
N THR B 198 7.30 1.59 5.80
CA THR B 198 7.59 1.85 4.39
C THR B 198 6.34 2.13 3.58
N THR B 199 5.17 2.06 4.19
CA THR B 199 3.87 2.19 3.55
C THR B 199 3.59 1.10 2.51
N ILE B 200 4.32 -0.01 2.51
CA ILE B 200 3.92 -1.12 1.65
C ILE B 200 2.57 -1.65 2.09
N GLY B 201 2.46 -2.07 3.35
CA GLY B 201 1.19 -2.48 3.90
C GLY B 201 0.51 -3.61 3.17
N PHE B 202 1.10 -4.81 3.16
CA PHE B 202 0.44 -5.94 2.51
C PHE B 202 -0.93 -6.19 3.13
N GLY B 203 -1.01 -6.19 4.44
CA GLY B 203 -2.26 -6.47 5.12
C GLY B 203 -2.44 -7.91 5.52
N ASP B 204 -1.38 -8.72 5.46
CA ASP B 204 -1.41 -10.06 6.03
C ASP B 204 -1.33 -10.04 7.55
N TYR B 205 -0.52 -9.15 8.11
CA TYR B 205 -0.63 -8.76 9.52
C TYR B 205 -1.20 -7.35 9.61
N VAL B 206 -2.25 -7.19 10.41
CA VAL B 206 -2.85 -5.88 10.67
C VAL B 206 -3.14 -5.79 12.15
N ALA B 207 -2.78 -4.66 12.75
CA ALA B 207 -3.08 -4.42 14.16
C ALA B 207 -4.54 -4.05 14.34
N LEU B 208 -4.97 -4.05 15.60
CA LEU B 208 -6.29 -3.61 16.09
C LEU B 208 -7.44 -4.53 15.70
N GLN B 209 -7.20 -5.66 15.04
CA GLN B 209 -8.31 -6.50 14.59
C GLN B 209 -8.79 -7.47 15.66
N LYS B 210 -7.91 -7.94 16.54
CA LYS B 210 -8.30 -8.90 17.57
C LYS B 210 -9.09 -8.24 18.69
N ASP B 211 -9.86 -9.09 19.39
CA ASP B 211 -10.50 -8.77 20.67
C ASP B 211 -11.33 -7.49 20.64
N GLN B 212 -11.89 -7.14 19.49
CA GLN B 212 -12.71 -5.93 19.34
C GLN B 212 -11.97 -4.68 19.82
N ALA B 213 -10.65 -4.66 19.61
CA ALA B 213 -9.82 -3.58 20.14
C ALA B 213 -10.30 -2.21 19.70
N LEU B 214 -10.83 -2.12 18.47
CA LEU B 214 -11.34 -0.85 17.97
C LEU B 214 -12.45 -0.26 18.84
N GLN B 215 -13.19 -1.07 19.59
CA GLN B 215 -14.18 -0.55 20.51
C GLN B 215 -13.94 -0.93 21.97
N THR B 216 -12.78 -1.49 22.29
CA THR B 216 -12.57 -2.06 23.61
C THR B 216 -11.29 -1.59 24.28
N GLN B 217 -10.30 -1.11 23.53
CA GLN B 217 -9.00 -0.73 24.09
C GLN B 217 -8.55 0.62 23.56
N PRO B 218 -9.31 1.69 23.82
CA PRO B 218 -8.92 3.03 23.33
C PRO B 218 -7.47 3.41 23.58
N GLN B 219 -6.86 2.94 24.67
CA GLN B 219 -5.45 3.24 24.90
C GLN B 219 -4.55 2.61 23.86
N TYR B 220 -4.87 1.40 23.41
CA TYR B 220 -4.07 0.73 22.41
C TYR B 220 -4.35 1.26 21.00
N VAL B 221 -5.60 1.62 20.72
CA VAL B 221 -5.91 2.31 19.47
C VAL B 221 -5.14 3.63 19.37
N ALA B 222 -5.16 4.42 20.44
CA ALA B 222 -4.39 5.66 20.48
C ALA B 222 -2.89 5.40 20.29
N PHE B 223 -2.34 4.41 20.98
CA PHE B 223 -0.93 4.08 20.76
C PHE B 223 -0.65 3.73 19.31
N SER B 224 -1.51 2.96 18.67
CA SER B 224 -1.21 2.54 17.30
C SER B 224 -1.30 3.69 16.32
N PHE B 225 -2.29 4.58 16.48
CA PHE B 225 -2.35 5.75 15.59
C PHE B 225 -1.15 6.67 15.80
N VAL B 226 -0.75 6.88 17.05
CA VAL B 226 0.42 7.72 17.31
C VAL B 226 1.69 7.07 16.80
N TYR B 227 1.83 5.75 16.94
CA TYR B 227 3.01 5.09 16.43
C TYR B 227 3.09 5.18 14.92
N ILE B 228 1.98 4.92 14.22
CA ILE B 228 2.01 5.03 12.76
C ILE B 228 2.39 6.44 12.34
N LEU B 229 1.72 7.46 12.88
CA LEU B 229 2.02 8.83 12.46
C LEU B 229 3.38 9.33 12.93
N THR B 230 3.97 8.77 13.98
CA THR B 230 5.32 9.12 14.39
C THR B 230 6.39 8.39 13.57
N GLY B 231 6.24 7.09 13.38
CA GLY B 231 7.21 6.36 12.61
C GLY B 231 7.27 6.80 11.15
N LEU B 232 6.10 7.14 10.57
CA LEU B 232 6.13 7.73 9.24
C LEU B 232 6.88 9.05 9.21
N THR B 233 6.75 9.86 10.26
CA THR B 233 7.52 11.10 10.34
C THR B 233 9.01 10.85 10.44
N VAL B 234 9.43 9.88 11.24
CA VAL B 234 10.87 9.58 11.33
C VAL B 234 11.42 9.02 10.03
N ILE B 235 10.66 8.16 9.35
CA ILE B 235 11.09 7.70 8.03
C ILE B 235 11.11 8.84 7.01
N GLY B 236 10.13 9.73 7.07
CA GLY B 236 10.16 10.91 6.21
C GLY B 236 11.35 11.80 6.46
N ALA B 237 11.69 12.02 7.72
CA ALA B 237 12.91 12.74 8.06
C ALA B 237 14.17 12.01 7.67
N PHE B 238 14.10 10.70 7.43
CA PHE B 238 15.28 10.02 6.91
C PHE B 238 15.38 10.11 5.39
N LEU B 239 14.28 9.91 4.67
CA LEU B 239 14.30 10.13 3.22
C LEU B 239 14.59 11.58 2.86
N ASN B 240 14.11 12.52 3.67
CA ASN B 240 14.41 13.93 3.48
C ASN B 240 15.92 14.19 3.52
N LEU B 241 16.65 13.40 4.29
CA LEU B 241 18.09 13.55 4.41
C LEU B 241 18.86 12.81 3.32
N VAL B 242 18.49 11.55 3.08
CA VAL B 242 19.30 10.65 2.26
C VAL B 242 18.88 10.58 0.79
N VAL B 243 17.65 10.96 0.44
CA VAL B 243 17.15 10.81 -0.91
C VAL B 243 16.88 12.14 -1.59
N LEU B 244 16.28 13.10 -0.88
CA LEU B 244 16.12 14.42 -1.50
C LEU B 244 17.44 15.12 -1.73
N ARG B 245 18.52 14.63 -1.14
CA ARG B 245 19.85 15.05 -1.57
C ARG B 245 20.10 14.70 -3.03
N PHE B 246 19.53 13.60 -3.52
CA PHE B 246 19.78 13.14 -4.88
C PHE B 246 18.64 13.37 -5.87
N MET B 247 17.39 13.37 -5.43
CA MET B 247 16.28 13.37 -6.38
C MET B 247 16.16 14.70 -7.10
N THR B 248 16.24 15.80 -6.37
CA THR B 248 16.06 17.11 -6.99
C THR B 248 17.25 17.50 -7.86
N MET B 249 18.34 16.72 -7.83
CA MET B 249 19.58 17.12 -8.46
C MET B 249 19.44 17.38 -9.96
N ASN B 250 18.36 16.88 -10.59
CA ASN B 250 18.08 17.27 -11.96
C ASN B 250 17.86 18.77 -12.10
N ALA B 251 17.33 19.41 -11.06
CA ALA B 251 17.11 20.85 -11.11
C ALA B 251 18.39 21.67 -11.00
N GLU B 252 19.52 21.03 -10.70
CA GLU B 252 20.79 21.73 -10.54
C GLU B 252 21.25 22.32 -11.87
CAA Y01 C . -3.07 16.87 -6.66
CBA Y01 C . -4.06 18.02 -6.67
CAB Y01 C . -5.39 17.58 -7.25
CAN Y01 C . -4.22 18.63 -5.29
CAJ Y01 C . -2.95 19.22 -4.69
CAO Y01 C . -3.16 19.81 -3.30
CBB Y01 C . -1.89 20.42 -2.67
CAC Y01 C . -1.03 21.06 -3.75
CBE Y01 C . -2.28 21.38 -1.54
CAP Y01 C . -3.30 20.75 -0.58
CAQ Y01 C . -3.08 21.40 0.79
CBG Y01 C . -2.06 22.52 0.53
CBI Y01 C . -1.18 21.94 -0.60
CAE Y01 C . -0.27 20.82 -0.08
CAU Y01 C . -0.35 23.12 -1.13
CAS Y01 C . 0.46 23.78 -0.03
CBF Y01 C . -0.39 24.26 1.16
CBD Y01 C . -1.28 23.13 1.70
CAK Y01 C . -2.25 23.68 2.74
CAI Y01 C . -1.60 24.65 3.68
CAZ Y01 C . -0.40 25.19 3.51
CAV Y01 C . 0.19 26.08 4.57
CBH Y01 C . 0.46 24.95 2.27
CAD Y01 C . 1.66 24.09 2.68
CAT Y01 C . 0.94 26.30 1.74
CAR Y01 C . 1.63 27.14 2.82
CBC Y01 C . 0.68 27.39 3.97
OAW Y01 C . 1.42 28.13 4.99
CAY Y01 C . 0.73 28.99 5.76
OAG Y01 C . -0.46 29.13 5.71
CAM Y01 C . 1.65 29.72 6.69
CAL Y01 C . 2.74 30.48 5.95
CAX Y01 C . 3.81 31.08 6.82
OAH Y01 C . 4.82 31.55 6.25
OAF Y01 C . 3.64 31.07 8.06
CAA Y01 D . 9.19 0.94 -20.09
CBA Y01 D . 10.22 0.52 -21.12
CAB Y01 D . 11.47 1.37 -21.02
CAN Y01 D . 10.58 -0.94 -20.94
CAJ Y01 D . 9.43 -1.92 -21.04
CAO Y01 D . 9.85 -3.35 -20.73
CBB Y01 D . 8.71 -4.39 -20.80
CAC Y01 D . 8.23 -4.53 -22.24
CBE Y01 D . 9.19 -5.72 -20.18
CAP Y01 D . 9.91 -5.49 -18.82
CAQ Y01 D . 9.69 -6.77 -18.01
CBG Y01 D . 9.01 -7.75 -18.99
CBI Y01 D . 8.16 -6.83 -19.87
CAE Y01 D . 6.94 -6.27 -19.12
CAU Y01 D . 7.70 -7.69 -21.07
CAS Y01 D . 6.96 -8.94 -20.62
CBF Y01 D . 7.76 -9.80 -19.64
CBD Y01 D . 8.28 -8.98 -18.45
CAK Y01 D . 9.21 -9.83 -17.60
CAI Y01 D . 8.70 -11.22 -17.39
CAZ Y01 D . 7.73 -11.79 -18.07
CAV Y01 D . 7.28 -13.19 -17.75
CBH Y01 D . 7.00 -11.09 -19.21
CAD Y01 D . 5.57 -10.78 -18.76
CAT Y01 D . 6.95 -12.04 -20.43
CAR Y01 D . 6.39 -13.41 -20.07
CBC Y01 D . 7.23 -14.06 -18.99
OAW Y01 D . 6.70 -15.40 -18.68
CAY Y01 D . 5.44 -15.54 -18.24
OAG Y01 D . 4.69 -14.62 -18.00
CAM Y01 D . 5.08 -16.98 -18.09
CAL Y01 D . 5.32 -17.52 -16.70
CAX Y01 D . 6.77 -17.90 -16.42
OAH Y01 D . 7.62 -17.57 -17.29
OAF Y01 D . 7.04 -18.50 -15.36
K K E . -2.94 -4.25 0.78
K K F . 0.26 0.37 -0.08
K K G . 2.40 3.47 -0.65
CAA Y01 H . 17.68 4.26 2.76
CBA Y01 H . 19.10 3.73 2.65
CAB Y01 H . 19.28 2.51 3.54
CAN Y01 H . 19.48 3.44 1.22
CAJ Y01 H . 19.45 4.64 0.29
CAO Y01 H . 19.84 4.31 -1.15
CBB Y01 H . 19.82 5.51 -2.12
CAC Y01 H . 20.27 6.77 -1.39
CBE Y01 H . 20.65 5.18 -3.37
CAP Y01 H . 20.29 3.81 -3.96
CAQ Y01 H . 20.56 3.89 -5.47
CBG Y01 H . 21.26 5.24 -5.65
CBI Y01 H . 20.60 6.14 -4.58
CAE Y01 H . 19.15 6.49 -4.96
CAU Y01 H . 21.46 7.41 -4.51
CAS Y01 H . 21.59 8.09 -5.87
CBF Y01 H . 22.13 7.18 -6.96
CBD Y01 H . 21.34 5.87 -7.05
CAK Y01 H . 22.02 4.91 -8.02
CAI Y01 H . 22.51 5.58 -9.26
CAZ Y01 H . 22.59 6.90 -9.43
CAV Y01 H . 23.01 7.47 -10.77
CBH Y01 H . 22.26 7.91 -8.33
CAD Y01 H . 20.96 8.64 -8.73
CAT Y01 H . 23.41 8.92 -8.24
CAR Y01 H . 23.74 9.56 -9.59
CBC Y01 H . 24.13 8.49 -10.59
OAW Y01 H . 24.37 9.15 -11.88
CAY Y01 H . 25.27 8.61 -12.71
OAG Y01 H . 25.85 7.58 -12.48
CAM Y01 H . 25.44 9.46 -13.92
CAL Y01 H . 25.87 10.88 -13.58
CAX Y01 H . 25.88 11.84 -14.75
OAH Y01 H . 26.03 13.06 -14.48
OAF Y01 H . 25.71 11.38 -15.90
CAA Y01 I . 0.87 13.62 17.39
CBA Y01 I . 0.28 14.67 18.30
CAB Y01 I . 0.59 16.06 17.80
CAN Y01 I . -1.21 14.49 18.44
CAJ Y01 I . -1.67 13.13 18.97
CAO Y01 I . -3.18 12.98 18.95
CBB Y01 I . -3.70 11.63 19.46
CAC Y01 I . -3.42 11.48 20.96
CBE Y01 I . -5.19 11.49 19.11
CAP Y01 I . -5.49 11.88 17.65
CAQ Y01 I . -6.73 11.07 17.21
CBG Y01 I . -7.20 10.39 18.50
CBI Y01 I . -5.89 10.11 19.27
CAE Y01 I . -5.06 8.99 18.62
CAU Y01 I . -6.31 9.71 20.69
CAS Y01 I . -7.26 8.52 20.70
CBF Y01 I . -8.50 8.73 19.84
CBD Y01 I . -8.14 9.18 18.42
CAK Y01 I . -9.41 9.56 17.65
CAI Y01 I . -10.53 8.59 17.87
CAZ Y01 I . -10.58 7.68 18.84
CAV Y01 I . -11.74 6.74 18.94
CBH Y01 I . -9.47 7.52 19.88
CAD Y01 I . -8.74 6.20 19.60
CAT Y01 I . -10.12 7.46 21.27
CAR Y01 I . -11.23 6.41 21.36
CBC Y01 I . -12.31 6.71 20.35
OAW Y01 I . -13.40 5.73 20.46
CAY Y01 I . -13.13 4.42 20.30
OAG Y01 I . -12.06 3.97 19.97
CAM Y01 I . -14.34 3.59 20.56
CAL Y01 I . -15.17 3.30 19.32
CAX Y01 I . -16.09 4.43 18.91
OAH Y01 I . -15.96 5.53 19.51
OAF Y01 I . -16.92 4.21 18.00
#